data_2AA9
#
_entry.id   2AA9
#
_cell.length_a   58.075
_cell.length_b   85.025
_cell.length_c   87.633
_cell.angle_alpha   90.00
_cell.angle_beta   90.00
_cell.angle_gamma   90.00
#
_symmetry.space_group_name_H-M   'P 21 21 21'
#
loop_
_entity.id
_entity.type
_entity.pdbx_description
1 polymer '3-phosphoshikimate 1-carboxyvinyltransferase'
2 non-polymer '(3R,4S,5R)-3,4,5-TRIHYDROXYCYCLOHEX-1-ENE-1-CARBOXYLIC ACID'
3 non-polymer 'FORMIC ACID'
4 water water
#
_entity_poly.entity_id   1
_entity_poly.type   'polypeptide(L)'
_entity_poly.pdbx_seq_one_letter_code
;MESLTLQPIARVDGTINLPGSKSVSNRALLLAALAHGKTVLTNLLDSDDVRHMLNALTALGVSYTLSADRTRCEIIGNGG
PLHAEGALELFLGNAGTAMRPLAAALCLGSNDIVLTGEPRMKERPIGHLVDALRLGGAKITYLEQENYPPLRLQGGFTGG
NVDVDGSVSSQFLTALLMTAPLAPEDTVIRIKGDLVSKPYIDITLNLMKTFGVEIENQHYQQFVVKGGQSYQSPGTYLVE
GDASSASYFLAAAAIKGGTVKVTGIGRNSMQGDIRFADVLEKMGATICWGDDYISCTRGELNAIDMDMNHIPDAAMTIAT
AALFAKGTTTLRNIYNWRVKETDRLFAMATELRKVGAEVEEGHDYIRITPPEKLNFAEIATYNDHRMAMCFSLVALSDTP
VTILDPKCTAKTFPDYFEQLARISQAA
;
_entity_poly.pdbx_strand_id   A
#
loop_
_chem_comp.id
_chem_comp.type
_chem_comp.name
_chem_comp.formula
FMT non-polymer 'FORMIC ACID' 'C H2 O2'
SKM non-polymer '(3R,4S,5R)-3,4,5-TRIHYDROXYCYCLOHEX-1-ENE-1-CARBOXYLIC ACID' 'C7 H10 O5'
#
# COMPACT_ATOMS: atom_id res chain seq x y z
N MET A 1 -13.03 23.54 -1.07
CA MET A 1 -13.27 22.09 -0.85
C MET A 1 -14.11 21.44 -1.96
N GLU A 2 -13.45 20.69 -2.82
CA GLU A 2 -14.12 19.99 -3.90
C GLU A 2 -14.91 18.83 -3.32
N SER A 3 -15.94 18.41 -4.04
CA SER A 3 -16.74 17.27 -3.62
C SER A 3 -17.39 16.60 -4.82
N LEU A 4 -17.76 15.35 -4.62
CA LEU A 4 -18.42 14.58 -5.66
C LEU A 4 -19.60 13.90 -4.99
N THR A 5 -20.77 13.97 -5.62
CA THR A 5 -21.93 13.30 -5.07
C THR A 5 -22.23 12.09 -5.95
N LEU A 6 -22.33 10.92 -5.32
CA LEU A 6 -22.64 9.70 -6.05
C LEU A 6 -24.11 9.40 -5.92
N GLN A 7 -24.80 9.24 -7.05
CA GLN A 7 -26.21 8.88 -6.96
C GLN A 7 -26.32 7.37 -6.73
N PRO A 8 -27.46 6.92 -6.22
CA PRO A 8 -27.68 5.50 -5.97
C PRO A 8 -27.40 4.64 -7.19
N ILE A 9 -26.73 3.52 -6.93
CA ILE A 9 -26.35 2.55 -7.94
C ILE A 9 -27.23 1.34 -7.74
N ALA A 10 -28.05 1.04 -8.74
CA ALA A 10 -28.99 -0.07 -8.65
C ALA A 10 -28.40 -1.47 -8.71
N ARG A 11 -27.31 -1.61 -9.46
CA ARG A 11 -26.66 -2.90 -9.66
C ARG A 11 -25.26 -2.65 -10.21
N VAL A 12 -24.33 -3.54 -9.90
CA VAL A 12 -23.00 -3.44 -10.51
C VAL A 12 -22.77 -4.75 -11.24
N ASP A 13 -22.10 -4.63 -12.38
CA ASP A 13 -21.77 -5.78 -13.19
C ASP A 13 -20.76 -5.34 -14.24
N GLY A 14 -19.77 -6.17 -14.51
CA GLY A 14 -18.82 -5.80 -15.53
C GLY A 14 -17.42 -6.28 -15.25
N THR A 15 -16.48 -5.75 -16.02
CA THR A 15 -15.07 -6.12 -15.91
C THR A 15 -14.22 -4.85 -15.77
N ILE A 16 -13.25 -4.91 -14.85
CA ILE A 16 -12.34 -3.80 -14.62
C ILE A 16 -10.92 -4.31 -14.85
N ASN A 17 -10.16 -3.64 -15.70
CA ASN A 17 -8.75 -3.98 -15.93
C ASN A 17 -8.05 -3.09 -14.89
N LEU A 18 -7.49 -3.73 -13.88
CA LEU A 18 -6.88 -3.00 -12.78
C LEU A 18 -5.68 -2.17 -13.07
N PRO A 19 -5.54 -1.06 -12.32
CA PRO A 19 -4.38 -0.19 -12.47
C PRO A 19 -3.25 -1.00 -11.81
N GLY A 20 -2.00 -0.65 -12.06
CA GLY A 20 -0.92 -1.41 -11.45
C GLY A 20 -0.84 -1.29 -9.94
N SER A 21 -0.20 -2.28 -9.33
CA SER A 21 -0.02 -2.32 -7.89
C SER A 21 0.98 -1.24 -7.42
N LYS A 22 0.55 -0.42 -6.46
CA LYS A 22 1.44 0.59 -5.87
C LYS A 22 2.62 -0.05 -5.16
N SER A 23 2.35 -1.09 -4.36
CA SER A 23 3.41 -1.78 -3.60
C SER A 23 4.46 -2.35 -4.52
N VAL A 24 4.02 -3.01 -5.59
CA VAL A 24 4.96 -3.59 -6.55
C VAL A 24 5.68 -2.52 -7.35
N SER A 25 4.92 -1.52 -7.81
CA SER A 25 5.47 -0.44 -8.64
C SER A 25 6.64 0.28 -7.97
N ASN A 26 6.47 0.72 -6.72
CA ASN A 26 7.54 1.46 -6.09
C ASN A 26 8.73 0.59 -5.74
N ARG A 27 8.49 -0.68 -5.40
CA ARG A 27 9.62 -1.58 -5.13
C ARG A 27 10.39 -1.82 -6.44
N ALA A 28 9.65 -2.08 -7.52
CA ALA A 28 10.29 -2.36 -8.80
C ALA A 28 11.08 -1.16 -9.31
N LEU A 29 10.56 0.06 -9.10
CA LEU A 29 11.29 1.23 -9.56
C LEU A 29 12.61 1.41 -8.81
N LEU A 30 12.58 1.26 -7.49
CA LEU A 30 13.82 1.42 -6.73
C LEU A 30 14.83 0.34 -7.10
N LEU A 31 14.37 -0.91 -7.20
CA LEU A 31 15.31 -1.97 -7.55
C LEU A 31 15.86 -1.78 -8.98
N ALA A 32 15.00 -1.38 -9.92
CA ALA A 32 15.46 -1.12 -11.28
C ALA A 32 16.52 -0.01 -11.30
N ALA A 33 16.33 0.99 -10.45
CA ALA A 33 17.28 2.10 -10.39
C ALA A 33 18.61 1.65 -9.81
N LEU A 34 18.58 0.73 -8.86
CA LEU A 34 19.81 0.23 -8.23
C LEU A 34 20.48 -0.82 -9.11
N ALA A 35 19.71 -1.46 -9.96
CA ALA A 35 20.24 -2.58 -10.77
C ALA A 35 21.14 -2.23 -11.90
N HIS A 36 21.79 -3.26 -12.44
CA HIS A 36 22.62 -3.08 -13.62
C HIS A 36 21.75 -3.43 -14.83
N GLY A 37 21.81 -2.60 -15.86
CA GLY A 37 21.03 -2.87 -17.06
C GLY A 37 19.76 -2.06 -17.16
N LYS A 38 19.07 -2.22 -18.29
CA LYS A 38 17.82 -1.51 -18.54
C LYS A 38 16.64 -2.40 -18.17
N THR A 39 15.72 -1.87 -17.37
CA THR A 39 14.53 -2.61 -16.98
C THR A 39 13.34 -1.95 -17.65
N VAL A 40 12.50 -2.76 -18.27
CA VAL A 40 11.30 -2.22 -18.89
C VAL A 40 10.16 -2.72 -18.03
N LEU A 41 9.47 -1.80 -17.37
CA LEU A 41 8.33 -2.16 -16.53
C LEU A 41 7.05 -1.87 -17.28
N THR A 42 6.12 -2.82 -17.28
CA THR A 42 4.84 -2.59 -17.94
C THR A 42 3.76 -2.73 -16.86
N ASN A 43 2.63 -2.10 -17.14
CA ASN A 43 1.49 -2.04 -16.22
C ASN A 43 1.87 -1.30 -14.92
N LEU A 44 2.86 -0.41 -15.01
CA LEU A 44 3.27 0.40 -13.86
C LEU A 44 2.10 1.30 -13.48
N LEU A 45 1.91 1.54 -12.19
CA LEU A 45 0.84 2.42 -11.73
C LEU A 45 1.23 3.91 -11.90
N ASP A 46 0.29 4.71 -12.41
CA ASP A 46 0.49 6.13 -12.48
C ASP A 46 -0.42 6.68 -11.38
N SER A 47 0.19 7.14 -10.29
CA SER A 47 -0.55 7.69 -9.14
C SER A 47 0.40 8.59 -8.38
N ASP A 48 -0.10 9.32 -7.38
CA ASP A 48 0.80 10.22 -6.65
C ASP A 48 2.00 9.52 -6.04
N ASP A 49 1.77 8.37 -5.40
CA ASP A 49 2.88 7.70 -4.73
C ASP A 49 3.95 7.26 -5.69
N VAL A 50 3.58 6.82 -6.89
CA VAL A 50 4.60 6.41 -7.85
C VAL A 50 5.29 7.65 -8.45
N ARG A 51 4.52 8.72 -8.67
CA ARG A 51 5.13 9.93 -9.21
C ARG A 51 6.16 10.50 -8.23
N HIS A 52 5.91 10.42 -6.92
CA HIS A 52 6.92 10.90 -5.97
C HIS A 52 8.19 10.05 -6.07
N MET A 53 8.05 8.75 -6.26
CA MET A 53 9.23 7.90 -6.41
C MET A 53 9.97 8.27 -7.71
N LEU A 54 9.23 8.40 -8.82
CA LEU A 54 9.88 8.77 -10.08
C LEU A 54 10.62 10.10 -9.96
N ASN A 55 10.00 11.07 -9.28
CA ASN A 55 10.62 12.38 -9.12
C ASN A 55 11.90 12.27 -8.29
N ALA A 56 11.88 11.40 -7.27
CA ALA A 56 13.06 11.23 -6.43
C ALA A 56 14.19 10.61 -7.25
N LEU A 57 13.85 9.62 -8.09
CA LEU A 57 14.86 8.99 -8.92
C LEU A 57 15.44 10.02 -9.90
N THR A 58 14.59 10.85 -10.49
CA THR A 58 15.07 11.91 -11.39
C THR A 58 16.05 12.82 -10.62
N ALA A 59 15.65 13.27 -9.44
CA ALA A 59 16.50 14.15 -8.63
C ALA A 59 17.85 13.50 -8.28
N LEU A 60 17.85 12.17 -8.12
CA LEU A 60 19.07 11.46 -7.79
C LEU A 60 19.90 11.16 -9.05
N GLY A 61 19.42 11.59 -10.21
CA GLY A 61 20.17 11.40 -11.45
C GLY A 61 19.88 10.14 -12.25
N VAL A 62 18.84 9.41 -11.89
CA VAL A 62 18.50 8.20 -12.63
C VAL A 62 17.78 8.60 -13.94
N SER A 63 18.12 7.93 -15.03
CA SER A 63 17.52 8.21 -16.32
C SER A 63 16.43 7.19 -16.67
N TYR A 64 15.28 7.68 -17.10
CA TYR A 64 14.19 6.79 -17.50
C TYR A 64 13.26 7.52 -18.44
N THR A 65 12.44 6.73 -19.13
CA THR A 65 11.44 7.27 -20.02
C THR A 65 10.13 6.63 -19.68
N LEU A 66 9.04 7.34 -19.97
CA LEU A 66 7.70 6.86 -19.69
C LEU A 66 6.84 6.94 -20.93
N SER A 67 5.96 5.97 -21.08
CA SER A 67 5.04 5.96 -22.21
C SER A 67 4.00 7.07 -21.99
N ALA A 68 3.17 7.30 -23.00
CA ALA A 68 2.16 8.35 -22.90
C ALA A 68 1.24 8.21 -21.69
N ASP A 69 0.83 6.99 -21.37
CA ASP A 69 -0.05 6.79 -20.24
C ASP A 69 0.67 6.54 -18.92
N ARG A 70 2.00 6.62 -18.98
CA ARG A 70 2.88 6.45 -17.82
C ARG A 70 2.82 5.08 -17.17
N THR A 71 2.41 4.05 -17.92
CA THR A 71 2.34 2.70 -17.39
C THR A 71 3.48 1.84 -17.93
N ARG A 72 4.26 2.37 -18.87
CA ARG A 72 5.42 1.64 -19.38
C ARG A 72 6.62 2.55 -19.06
N CYS A 73 7.61 1.98 -18.41
CA CYS A 73 8.79 2.73 -17.97
C CYS A 73 10.06 1.98 -18.31
N GLU A 74 10.99 2.65 -18.97
CA GLU A 74 12.27 2.05 -19.32
C GLU A 74 13.29 2.75 -18.44
N ILE A 75 13.80 2.04 -17.45
CA ILE A 75 14.76 2.61 -16.49
C ILE A 75 16.19 2.20 -16.80
N ILE A 76 17.09 3.18 -16.80
CA ILE A 76 18.52 2.90 -17.01
C ILE A 76 19.08 2.67 -15.61
N GLY A 77 19.41 1.43 -15.30
CA GLY A 77 19.92 1.13 -13.98
C GLY A 77 21.22 1.84 -13.65
N ASN A 78 21.37 2.25 -12.40
CA ASN A 78 22.59 2.92 -11.96
C ASN A 78 23.73 1.95 -11.73
N GLY A 79 23.43 0.66 -11.63
CA GLY A 79 24.49 -0.31 -11.36
C GLY A 79 25.11 -0.11 -9.98
N GLY A 80 24.28 0.17 -8.99
CA GLY A 80 24.77 0.36 -7.64
C GLY A 80 24.02 1.42 -6.89
N PRO A 81 24.36 1.63 -5.60
CA PRO A 81 23.72 2.63 -4.74
C PRO A 81 23.60 3.99 -5.37
N LEU A 82 22.48 4.66 -5.10
CA LEU A 82 22.22 6.00 -5.62
C LEU A 82 22.89 7.05 -4.76
N HIS A 83 23.31 8.16 -5.39
CA HIS A 83 23.99 9.19 -4.61
C HIS A 83 23.63 10.62 -4.91
N ALA A 84 23.75 11.45 -3.88
CA ALA A 84 23.53 12.89 -4.00
C ALA A 84 24.13 13.53 -2.74
N GLU A 85 24.54 14.79 -2.87
CA GLU A 85 25.14 15.54 -1.77
C GLU A 85 24.42 16.88 -1.62
N GLY A 86 24.95 17.73 -0.74
CA GLY A 86 24.39 19.06 -0.53
C GLY A 86 23.04 19.09 0.19
N ALA A 87 22.76 18.05 0.95
CA ALA A 87 21.49 17.94 1.68
C ALA A 87 20.32 18.14 0.69
N LEU A 88 20.44 17.49 -0.47
CA LEU A 88 19.42 17.55 -1.52
C LEU A 88 18.11 17.11 -0.87
N GLU A 89 17.05 17.87 -1.03
CA GLU A 89 15.78 17.47 -0.43
C GLU A 89 14.90 16.71 -1.41
N LEU A 90 14.46 15.52 -1.00
CA LEU A 90 13.54 14.73 -1.80
C LEU A 90 12.19 14.82 -1.08
N PHE A 91 11.20 15.36 -1.79
CA PHE A 91 9.86 15.51 -1.25
C PHE A 91 9.07 14.27 -1.66
N LEU A 92 8.63 13.51 -0.67
CA LEU A 92 7.98 12.23 -0.94
C LEU A 92 6.47 12.15 -0.70
N GLY A 93 5.83 13.32 -0.67
CA GLY A 93 4.38 13.37 -0.45
C GLY A 93 3.97 12.61 0.80
N ASN A 94 3.05 11.68 0.66
CA ASN A 94 2.66 10.87 1.83
C ASN A 94 2.87 9.41 1.44
N ALA A 95 3.90 9.18 0.63
CA ALA A 95 4.23 7.84 0.13
C ALA A 95 5.14 7.02 1.04
N GLY A 96 4.54 6.14 1.83
CA GLY A 96 5.35 5.31 2.69
C GLY A 96 6.27 4.41 1.92
N THR A 97 5.83 3.95 0.75
CA THR A 97 6.65 3.04 -0.05
C THR A 97 7.79 3.74 -0.78
N ALA A 98 7.87 5.05 -0.64
CA ALA A 98 9.02 5.79 -1.17
C ALA A 98 9.86 6.19 0.07
N MET A 99 9.22 6.75 1.09
CA MET A 99 9.92 7.20 2.29
C MET A 99 10.68 6.13 3.05
N ARG A 100 10.03 5.01 3.37
CA ARG A 100 10.76 4.00 4.12
C ARG A 100 11.86 3.33 3.29
N PRO A 101 11.56 2.87 2.06
CA PRO A 101 12.63 2.23 1.28
C PRO A 101 13.80 3.16 0.97
N LEU A 102 13.53 4.41 0.60
CA LEU A 102 14.63 5.32 0.32
C LEU A 102 15.40 5.69 1.58
N ALA A 103 14.73 5.73 2.73
CA ALA A 103 15.42 6.09 3.98
C ALA A 103 16.53 5.07 4.21
N ALA A 104 16.24 3.80 3.93
CA ALA A 104 17.27 2.79 4.10
C ALA A 104 18.25 2.76 2.92
N ALA A 105 17.74 2.76 1.69
CA ALA A 105 18.65 2.62 0.56
C ALA A 105 19.70 3.69 0.47
N LEU A 106 19.31 4.93 0.76
CA LEU A 106 20.24 6.04 0.65
C LEU A 106 21.26 6.12 1.77
N CYS A 107 21.25 5.14 2.68
CA CYS A 107 22.23 5.07 3.77
C CYS A 107 23.47 4.32 3.27
N LEU A 108 23.42 3.81 2.03
CA LEU A 108 24.57 3.08 1.46
C LEU A 108 25.66 4.04 0.98
N GLY A 109 26.89 3.80 1.44
CA GLY A 109 27.99 4.64 1.04
C GLY A 109 27.90 6.00 1.71
N SER A 110 28.37 7.02 1.01
CA SER A 110 28.36 8.39 1.52
C SER A 110 27.19 9.05 0.83
N ASN A 111 26.59 10.01 1.50
CA ASN A 111 25.47 10.78 0.95
C ASN A 111 25.19 11.91 1.92
N ASP A 112 24.43 12.88 1.45
CA ASP A 112 23.92 13.98 2.27
C ASP A 112 22.61 14.34 1.60
N ILE A 113 21.54 13.69 2.07
CA ILE A 113 20.22 13.85 1.48
C ILE A 113 19.18 13.99 2.58
N VAL A 114 18.17 14.82 2.31
CA VAL A 114 17.08 15.02 3.24
C VAL A 114 15.80 14.46 2.63
N LEU A 115 15.09 13.65 3.43
CA LEU A 115 13.82 13.11 3.00
C LEU A 115 12.70 13.80 3.80
N THR A 116 11.71 14.32 3.09
CA THR A 116 10.59 14.96 3.76
C THR A 116 9.32 14.65 2.99
N GLY A 117 8.21 15.25 3.42
CA GLY A 117 6.95 15.03 2.72
C GLY A 117 5.87 15.94 3.25
N GLU A 118 4.62 15.57 3.03
CA GLU A 118 3.47 16.35 3.48
C GLU A 118 3.37 16.31 4.99
N PRO A 119 2.59 17.24 5.57
CA PRO A 119 2.47 17.27 7.03
C PRO A 119 2.18 15.93 7.69
N ARG A 120 1.27 15.14 7.13
CA ARG A 120 0.96 13.86 7.76
C ARG A 120 2.15 12.91 7.76
N MET A 121 2.98 12.99 6.73
CA MET A 121 4.13 12.12 6.67
C MET A 121 5.08 12.40 7.84
N LYS A 122 5.11 13.64 8.31
CA LYS A 122 5.96 14.00 9.44
C LYS A 122 5.38 13.48 10.78
N GLU A 123 4.23 12.83 10.70
CA GLU A 123 3.54 12.25 11.86
C GLU A 123 3.45 10.73 11.75
N ARG A 124 4.06 10.15 10.72
CA ARG A 124 4.03 8.70 10.52
C ARG A 124 5.39 8.20 10.99
N PRO A 125 5.39 7.25 11.93
CA PRO A 125 6.62 6.71 12.52
C PRO A 125 7.70 6.13 11.60
N ILE A 126 8.95 6.40 11.94
CA ILE A 126 10.06 5.84 11.17
C ILE A 126 11.21 5.51 12.13
N GLY A 127 10.97 5.72 13.43
CA GLY A 127 12.00 5.49 14.42
C GLY A 127 12.59 4.08 14.46
N HIS A 128 11.75 3.08 14.30
CA HIS A 128 12.26 1.71 14.36
C HIS A 128 13.20 1.41 13.20
N LEU A 129 12.95 2.03 12.04
CA LEU A 129 13.82 1.83 10.89
C LEU A 129 15.14 2.57 11.11
N VAL A 130 15.07 3.81 11.59
CA VAL A 130 16.28 4.59 11.87
C VAL A 130 17.11 3.86 12.92
N ASP A 131 16.49 3.29 13.94
CA ASP A 131 17.26 2.59 14.98
C ASP A 131 18.06 1.44 14.33
N ALA A 132 17.40 0.67 13.46
CA ALA A 132 18.04 -0.46 12.80
C ALA A 132 19.17 -0.01 11.87
N LEU A 133 18.92 1.03 11.07
CA LEU A 133 19.95 1.52 10.17
C LEU A 133 21.18 2.00 10.95
N ARG A 134 20.95 2.70 12.07
CA ARG A 134 22.07 3.15 12.89
C ARG A 134 22.88 1.97 13.45
N LEU A 135 22.21 0.90 13.84
CA LEU A 135 22.95 -0.27 14.34
C LEU A 135 23.87 -0.80 13.25
N GLY A 136 23.49 -0.60 12.00
CA GLY A 136 24.31 -1.05 10.88
C GLY A 136 25.36 -0.04 10.45
N GLY A 137 25.43 1.10 11.15
CA GLY A 137 26.42 2.13 10.84
C GLY A 137 25.96 3.42 10.22
N ALA A 138 24.68 3.50 9.86
CA ALA A 138 24.18 4.71 9.24
C ALA A 138 24.15 5.93 10.15
N LYS A 139 24.41 7.09 9.55
CA LYS A 139 24.32 8.36 10.27
C LYS A 139 23.03 9.01 9.78
N ILE A 140 22.10 9.20 10.72
CA ILE A 140 20.79 9.77 10.43
C ILE A 140 20.41 10.78 11.49
N THR A 141 19.90 11.92 11.02
CA THR A 141 19.48 12.99 11.91
C THR A 141 18.00 13.34 11.73
N TYR A 142 17.29 13.44 12.85
CA TYR A 142 15.89 13.87 12.82
C TYR A 142 15.90 15.39 12.77
N LEU A 143 15.34 15.98 11.72
CA LEU A 143 15.35 17.45 11.63
C LEU A 143 14.22 18.14 12.38
N GLU A 144 13.18 17.39 12.71
CA GLU A 144 12.05 17.93 13.47
C GLU A 144 11.80 17.02 14.66
N GLN A 145 10.66 16.35 14.67
CA GLN A 145 10.34 15.49 15.80
C GLN A 145 11.12 14.19 15.79
N GLU A 146 11.64 13.81 16.95
CA GLU A 146 12.37 12.57 17.07
C GLU A 146 11.42 11.44 16.67
N ASN A 147 11.96 10.46 15.94
CA ASN A 147 11.26 9.26 15.47
C ASN A 147 10.36 9.42 14.23
N TYR A 148 10.42 10.60 13.60
CA TYR A 148 9.61 10.89 12.43
C TYR A 148 10.38 11.65 11.37
N PRO A 149 9.89 11.64 10.11
CA PRO A 149 10.58 12.40 9.06
C PRO A 149 10.28 13.86 9.46
N PRO A 150 11.02 14.82 8.91
CA PRO A 150 12.10 14.67 7.93
C PRO A 150 13.41 14.16 8.52
N LEU A 151 14.17 13.46 7.66
CA LEU A 151 15.45 12.87 8.03
C LEU A 151 16.58 13.41 7.17
N ARG A 152 17.74 13.59 7.78
CA ARG A 152 18.92 13.97 7.01
C ARG A 152 19.80 12.71 7.06
N LEU A 153 20.06 12.16 5.87
CA LEU A 153 20.83 10.93 5.70
C LEU A 153 22.24 11.22 5.25
N GLN A 154 23.23 10.78 6.05
CA GLN A 154 24.61 11.00 5.69
C GLN A 154 25.43 9.77 5.42
N GLY A 155 24.71 8.67 5.23
CA GLY A 155 25.35 7.42 4.87
C GLY A 155 26.00 6.62 5.96
N GLY A 156 26.76 5.62 5.55
CA GLY A 156 27.46 4.80 6.54
C GLY A 156 26.94 3.41 6.85
N PHE A 157 25.83 2.99 6.25
CA PHE A 157 25.33 1.64 6.54
C PHE A 157 26.23 0.60 5.89
N THR A 158 26.95 -0.17 6.70
CA THR A 158 27.86 -1.18 6.17
C THR A 158 27.38 -2.60 6.37
N GLY A 159 26.36 -2.81 7.21
CA GLY A 159 25.86 -4.15 7.47
C GLY A 159 26.14 -4.57 8.90
N GLY A 160 26.17 -5.87 9.16
CA GLY A 160 26.41 -6.33 10.52
C GLY A 160 25.17 -6.86 11.22
N ASN A 161 25.19 -6.89 12.54
CA ASN A 161 24.05 -7.38 13.32
C ASN A 161 23.10 -6.24 13.56
N VAL A 162 21.91 -6.32 12.96
CA VAL A 162 20.91 -5.27 13.11
C VAL A 162 19.61 -5.82 13.69
N ASP A 163 19.09 -5.16 14.72
CA ASP A 163 17.81 -5.57 15.27
C ASP A 163 16.80 -4.59 14.70
N VAL A 164 15.59 -5.06 14.47
CA VAL A 164 14.51 -4.18 14.03
C VAL A 164 13.20 -4.62 14.65
N ASP A 165 12.41 -3.62 15.06
CA ASP A 165 11.11 -3.87 15.65
C ASP A 165 10.13 -4.03 14.48
N GLY A 166 9.38 -5.13 14.44
CA GLY A 166 8.42 -5.33 13.37
C GLY A 166 6.98 -5.24 13.84
N SER A 167 6.78 -4.69 15.03
CA SER A 167 5.45 -4.59 15.63
C SER A 167 4.58 -3.42 15.21
N VAL A 168 5.17 -2.38 14.61
CA VAL A 168 4.42 -1.20 14.21
C VAL A 168 4.21 -1.16 12.69
N SER A 169 5.20 -1.62 11.94
CA SER A 169 5.13 -1.58 10.48
C SER A 169 6.01 -2.62 9.81
N SER A 170 5.52 -3.24 8.74
CA SER A 170 6.34 -4.19 8.00
C SER A 170 7.28 -3.44 7.07
N GLN A 171 7.02 -2.16 6.83
CA GLN A 171 7.82 -1.40 5.89
C GLN A 171 9.26 -1.17 6.34
N PHE A 172 9.50 -1.21 7.64
CA PHE A 172 10.85 -0.99 8.13
C PHE A 172 11.69 -2.20 7.72
N LEU A 173 11.17 -3.41 7.94
CA LEU A 173 11.89 -4.60 7.53
C LEU A 173 12.02 -4.64 5.99
N THR A 174 10.96 -4.28 5.27
CA THR A 174 11.06 -4.25 3.81
C THR A 174 12.21 -3.36 3.36
N ALA A 175 12.33 -2.18 3.96
CA ALA A 175 13.38 -1.27 3.59
C ALA A 175 14.77 -1.85 3.85
N LEU A 176 14.93 -2.48 4.99
CA LEU A 176 16.22 -3.08 5.33
C LEU A 176 16.57 -4.21 4.38
N LEU A 177 15.58 -5.05 4.08
CA LEU A 177 15.82 -6.17 3.17
C LEU A 177 16.30 -5.74 1.79
N MET A 178 15.71 -4.68 1.24
CA MET A 178 16.12 -4.26 -0.09
C MET A 178 17.51 -3.62 -0.11
N THR A 179 17.86 -3.00 1.00
CA THR A 179 19.14 -2.30 1.15
C THR A 179 20.32 -3.19 1.49
N ALA A 180 20.14 -4.07 2.46
CA ALA A 180 21.25 -4.91 2.94
C ALA A 180 22.12 -5.66 1.91
N PRO A 181 21.53 -6.27 0.87
CA PRO A 181 22.36 -6.99 -0.11
C PRO A 181 23.46 -6.15 -0.73
N LEU A 182 23.25 -4.84 -0.83
CA LEU A 182 24.25 -3.95 -1.42
C LEU A 182 25.29 -3.40 -0.45
N ALA A 183 25.13 -3.71 0.83
CA ALA A 183 26.08 -3.26 1.83
C ALA A 183 27.32 -4.13 1.67
N PRO A 184 28.50 -3.60 2.04
CA PRO A 184 29.74 -4.36 1.91
C PRO A 184 29.86 -5.57 2.82
N GLU A 185 29.35 -5.45 4.04
CA GLU A 185 29.42 -6.57 4.97
C GLU A 185 28.11 -7.35 5.01
N ASP A 186 28.18 -8.61 5.43
CA ASP A 186 27.00 -9.45 5.57
C ASP A 186 26.14 -8.85 6.68
N THR A 187 24.82 -9.03 6.58
CA THR A 187 23.92 -8.49 7.59
C THR A 187 22.99 -9.57 8.13
N VAL A 188 22.77 -9.54 9.44
CA VAL A 188 21.83 -10.47 10.08
C VAL A 188 20.77 -9.56 10.69
N ILE A 189 19.56 -9.63 10.15
CA ILE A 189 18.45 -8.80 10.64
C ILE A 189 17.60 -9.63 11.59
N ARG A 190 17.61 -9.24 12.87
CA ARG A 190 16.84 -9.96 13.89
C ARG A 190 15.55 -9.18 14.21
N ILE A 191 14.40 -9.84 14.16
CA ILE A 191 13.13 -9.18 14.48
C ILE A 191 12.98 -9.22 16.00
N LYS A 192 12.75 -8.08 16.64
CA LYS A 192 12.66 -8.06 18.11
C LYS A 192 11.56 -8.94 18.69
N GLY A 193 10.37 -8.82 18.13
CA GLY A 193 9.25 -9.62 18.59
C GLY A 193 8.35 -10.01 17.46
N ASP A 194 7.14 -9.47 17.47
CA ASP A 194 6.16 -9.78 16.43
C ASP A 194 6.42 -9.01 15.15
N LEU A 195 5.84 -9.51 14.07
CA LEU A 195 5.97 -8.87 12.77
C LEU A 195 4.57 -8.72 12.21
N VAL A 196 4.13 -7.48 12.02
CA VAL A 196 2.79 -7.23 11.48
C VAL A 196 2.76 -7.28 9.94
N SER A 197 1.57 -7.56 9.42
CA SER A 197 1.33 -7.60 7.97
C SER A 197 2.45 -8.27 7.13
N LYS A 198 2.78 -9.51 7.50
CA LYS A 198 3.80 -10.33 6.84
C LYS A 198 3.73 -10.47 5.31
N PRO A 199 2.51 -10.48 4.73
CA PRO A 199 2.47 -10.61 3.27
C PRO A 199 3.28 -9.56 2.49
N TYR A 200 3.46 -8.36 3.07
CA TYR A 200 4.25 -7.34 2.39
C TYR A 200 5.73 -7.68 2.36
N ILE A 201 6.16 -8.51 3.30
CA ILE A 201 7.55 -8.94 3.32
C ILE A 201 7.68 -9.93 2.16
N ASP A 202 6.66 -10.76 1.95
CA ASP A 202 6.72 -11.71 0.86
C ASP A 202 6.78 -10.97 -0.48
N ILE A 203 6.06 -9.85 -0.59
CA ILE A 203 6.12 -9.07 -1.82
C ILE A 203 7.55 -8.57 -2.05
N THR A 204 8.18 -8.06 -0.99
CA THR A 204 9.55 -7.56 -1.07
C THR A 204 10.54 -8.65 -1.51
N LEU A 205 10.43 -9.83 -0.92
CA LEU A 205 11.36 -10.90 -1.27
C LEU A 205 11.18 -11.40 -2.70
N ASN A 206 9.93 -11.40 -3.17
CA ASN A 206 9.60 -11.80 -4.52
C ASN A 206 10.27 -10.81 -5.49
N LEU A 207 10.10 -9.51 -5.23
CA LEU A 207 10.73 -8.52 -6.10
C LEU A 207 12.24 -8.62 -6.08
N MET A 208 12.83 -8.79 -4.89
CA MET A 208 14.29 -8.91 -4.80
C MET A 208 14.79 -10.10 -5.62
N LYS A 209 14.06 -11.21 -5.55
CA LYS A 209 14.46 -12.39 -6.33
C LYS A 209 14.37 -12.11 -7.83
N THR A 210 13.32 -11.40 -8.26
CA THR A 210 13.19 -11.06 -9.67
C THR A 210 14.43 -10.27 -10.12
N PHE A 211 14.93 -9.41 -9.24
CA PHE A 211 16.11 -8.59 -9.55
C PHE A 211 17.42 -9.27 -9.20
N GLY A 212 17.37 -10.59 -9.05
CA GLY A 212 18.58 -11.38 -8.83
C GLY A 212 19.15 -11.60 -7.45
N VAL A 213 18.39 -11.31 -6.41
CA VAL A 213 18.91 -11.45 -5.06
C VAL A 213 18.00 -12.26 -4.15
N GLU A 214 18.60 -13.16 -3.39
CA GLU A 214 17.89 -13.99 -2.44
C GLU A 214 18.58 -13.89 -1.09
N ILE A 215 17.83 -14.12 -0.01
CA ILE A 215 18.40 -14.08 1.31
C ILE A 215 17.87 -15.29 2.09
N GLU A 216 18.33 -15.46 3.32
CA GLU A 216 17.90 -16.58 4.13
C GLU A 216 16.87 -16.10 5.15
N ASN A 217 15.62 -16.52 4.96
CA ASN A 217 14.53 -16.17 5.84
C ASN A 217 14.34 -17.29 6.86
N GLN A 218 14.62 -16.98 8.13
CA GLN A 218 14.47 -17.95 9.21
C GLN A 218 13.14 -17.72 9.95
N HIS A 219 12.08 -18.32 9.42
CA HIS A 219 10.73 -18.23 9.98
C HIS A 219 10.27 -16.82 10.35
N TYR A 220 10.69 -15.84 9.55
CA TYR A 220 10.35 -14.42 9.73
C TYR A 220 10.82 -13.87 11.07
N GLN A 221 11.81 -14.54 11.68
CA GLN A 221 12.35 -14.13 12.96
C GLN A 221 13.73 -13.55 12.75
N GLN A 222 14.39 -14.01 11.70
CA GLN A 222 15.74 -13.53 11.39
C GLN A 222 16.00 -13.69 9.91
N PHE A 223 16.69 -12.72 9.32
CA PHE A 223 16.99 -12.77 7.91
C PHE A 223 18.48 -12.59 7.73
N VAL A 224 19.12 -13.60 7.15
CA VAL A 224 20.56 -13.58 6.91
C VAL A 224 20.78 -13.12 5.48
N VAL A 225 21.52 -12.04 5.34
CA VAL A 225 21.80 -11.43 4.07
C VAL A 225 23.29 -11.38 3.76
N LYS A 226 23.67 -11.87 2.60
CA LYS A 226 25.08 -11.81 2.21
C LYS A 226 25.29 -10.44 1.57
N GLY A 227 26.35 -9.74 1.97
CA GLY A 227 26.63 -8.45 1.39
C GLY A 227 27.40 -8.55 0.07
N GLY A 228 27.72 -7.40 -0.50
CA GLY A 228 28.47 -7.35 -1.74
C GLY A 228 27.74 -7.83 -2.98
N GLN A 229 26.41 -7.86 -2.92
CA GLN A 229 25.62 -8.30 -4.07
C GLN A 229 25.27 -7.15 -5.01
N SER A 230 24.63 -7.49 -6.13
CA SER A 230 24.22 -6.50 -7.11
C SER A 230 22.87 -6.90 -7.67
N TYR A 231 21.98 -5.93 -7.87
CA TYR A 231 20.69 -6.22 -8.45
C TYR A 231 20.92 -6.22 -9.96
N GLN A 232 20.18 -7.08 -10.67
CA GLN A 232 20.31 -7.19 -12.11
C GLN A 232 18.96 -7.00 -12.78
N SER A 233 18.94 -6.26 -13.89
CA SER A 233 17.68 -6.05 -14.60
C SER A 233 17.08 -7.39 -15.01
N PRO A 234 15.76 -7.54 -14.86
CA PRO A 234 15.10 -8.79 -15.25
C PRO A 234 14.66 -8.68 -16.69
N GLY A 235 15.05 -7.59 -17.35
CA GLY A 235 14.66 -7.36 -18.73
C GLY A 235 13.30 -6.69 -18.70
N THR A 236 12.27 -7.40 -19.15
CA THR A 236 10.93 -6.87 -19.14
C THR A 236 10.22 -7.46 -17.95
N TYR A 237 9.45 -6.64 -17.26
CA TYR A 237 8.76 -7.10 -16.06
C TYR A 237 7.37 -6.54 -16.02
N LEU A 238 6.39 -7.42 -15.83
CA LEU A 238 4.98 -7.04 -15.75
C LEU A 238 4.55 -6.81 -14.30
N VAL A 239 4.11 -5.59 -14.00
CA VAL A 239 3.63 -5.25 -12.66
C VAL A 239 2.20 -5.79 -12.52
N GLU A 240 1.94 -6.52 -11.43
CA GLU A 240 0.60 -7.05 -11.16
C GLU A 240 -0.40 -5.91 -11.00
N GLY A 241 -1.66 -6.18 -11.32
CA GLY A 241 -2.72 -5.21 -11.08
C GLY A 241 -2.82 -5.06 -9.56
N ASP A 242 -3.38 -3.96 -9.06
CA ASP A 242 -3.45 -3.70 -7.63
C ASP A 242 -4.61 -4.42 -6.94
N ALA A 243 -4.27 -5.35 -6.05
CA ALA A 243 -5.28 -6.13 -5.33
C ALA A 243 -6.04 -5.31 -4.28
N SER A 244 -5.40 -4.25 -3.77
CA SER A 244 -6.10 -3.38 -2.79
C SER A 244 -7.13 -2.55 -3.57
N SER A 245 -6.73 -2.04 -4.73
CA SER A 245 -7.66 -1.28 -5.57
C SER A 245 -8.81 -2.17 -6.04
N ALA A 246 -8.53 -3.46 -6.19
CA ALA A 246 -9.56 -4.40 -6.60
C ALA A 246 -10.66 -4.60 -5.56
N SER A 247 -10.32 -4.41 -4.30
CA SER A 247 -11.28 -4.70 -3.22
C SER A 247 -12.61 -3.98 -3.34
N TYR A 248 -12.56 -2.72 -3.79
CA TYR A 248 -13.78 -1.93 -3.89
C TYR A 248 -14.76 -2.53 -4.89
N PHE A 249 -14.24 -2.99 -6.02
CA PHE A 249 -15.08 -3.53 -7.08
C PHE A 249 -15.62 -4.92 -6.75
N LEU A 250 -14.79 -5.76 -6.13
CA LEU A 250 -15.24 -7.09 -5.71
C LEU A 250 -16.32 -6.91 -4.60
N ALA A 251 -16.08 -6.00 -3.65
CA ALA A 251 -17.05 -5.76 -2.59
C ALA A 251 -18.34 -5.19 -3.18
N ALA A 252 -18.21 -4.33 -4.20
CA ALA A 252 -19.40 -3.77 -4.81
C ALA A 252 -20.31 -4.89 -5.32
N ALA A 253 -19.73 -5.92 -5.92
CA ALA A 253 -20.53 -7.04 -6.42
C ALA A 253 -21.12 -7.84 -5.28
N ALA A 254 -20.36 -8.02 -4.21
CA ALA A 254 -20.89 -8.77 -3.07
C ALA A 254 -22.12 -8.07 -2.49
N ILE A 255 -22.14 -6.75 -2.60
CA ILE A 255 -23.24 -5.96 -2.08
C ILE A 255 -24.39 -5.79 -3.06
N LYS A 256 -24.06 -5.50 -4.32
CA LYS A 256 -25.08 -5.13 -5.31
C LYS A 256 -24.96 -5.76 -6.69
N GLY A 257 -24.26 -6.88 -6.81
CA GLY A 257 -24.14 -7.51 -8.12
C GLY A 257 -25.31 -8.46 -8.40
N GLY A 258 -25.29 -9.13 -9.57
CA GLY A 258 -24.25 -8.96 -10.56
C GLY A 258 -22.94 -9.68 -10.29
N THR A 259 -22.10 -9.69 -11.31
CA THR A 259 -20.77 -10.26 -11.22
C THR A 259 -19.78 -9.20 -11.67
N VAL A 260 -18.76 -8.97 -10.87
CA VAL A 260 -17.71 -8.03 -11.26
C VAL A 260 -16.41 -8.81 -11.32
N LYS A 261 -15.74 -8.70 -12.46
CA LYS A 261 -14.47 -9.38 -12.68
C LYS A 261 -13.37 -8.33 -12.74
N VAL A 262 -12.25 -8.59 -12.05
CA VAL A 262 -11.11 -7.67 -12.10
C VAL A 262 -9.99 -8.47 -12.76
N THR A 263 -9.29 -7.84 -13.69
CA THR A 263 -8.21 -8.51 -14.37
C THR A 263 -6.87 -7.91 -13.99
N GLY A 264 -5.81 -8.69 -14.12
CA GLY A 264 -4.48 -8.23 -13.74
C GLY A 264 -3.96 -8.88 -12.47
N ILE A 265 -4.85 -9.59 -11.76
CA ILE A 265 -4.45 -10.34 -10.58
C ILE A 265 -5.21 -11.64 -10.66
N GLY A 266 -4.68 -12.65 -10.01
CA GLY A 266 -5.31 -13.96 -10.03
C GLY A 266 -4.81 -14.79 -8.87
N ARG A 267 -5.04 -16.10 -8.97
CA ARG A 267 -4.69 -17.00 -7.87
C ARG A 267 -3.22 -17.07 -7.53
N ASN A 268 -2.37 -16.74 -8.50
CA ASN A 268 -0.91 -16.82 -8.31
C ASN A 268 -0.30 -15.50 -7.84
N SER A 269 -1.12 -14.46 -7.69
CA SER A 269 -0.58 -13.15 -7.27
C SER A 269 0.22 -13.18 -6.00
N MET A 270 1.23 -12.30 -5.92
CA MET A 270 2.08 -12.20 -4.74
C MET A 270 1.49 -11.30 -3.65
N GLN A 271 0.46 -10.53 -4.00
CA GLN A 271 -0.12 -9.59 -3.04
C GLN A 271 -1.03 -10.23 -2.03
N GLY A 272 -0.81 -9.93 -0.75
CA GLY A 272 -1.65 -10.46 0.30
C GLY A 272 -3.10 -10.04 0.21
N ASP A 273 -3.38 -8.88 -0.39
CA ASP A 273 -4.76 -8.45 -0.47
C ASP A 273 -5.67 -9.26 -1.36
N ILE A 274 -5.13 -10.23 -2.10
CA ILE A 274 -6.06 -11.07 -2.85
C ILE A 274 -6.86 -11.88 -1.84
N ARG A 275 -6.36 -12.00 -0.61
CA ARG A 275 -7.08 -12.76 0.42
C ARG A 275 -8.37 -12.04 0.85
N PHE A 276 -8.52 -10.80 0.40
CA PHE A 276 -9.74 -10.05 0.66
C PHE A 276 -10.93 -10.83 0.05
N ALA A 277 -10.71 -11.48 -1.09
CA ALA A 277 -11.78 -12.24 -1.72
C ALA A 277 -12.25 -13.36 -0.78
N ASP A 278 -11.34 -13.93 0.00
CA ASP A 278 -11.72 -15.00 0.95
C ASP A 278 -12.68 -14.44 2.00
N VAL A 279 -12.50 -13.18 2.39
CA VAL A 279 -13.38 -12.60 3.39
C VAL A 279 -14.77 -12.41 2.78
N LEU A 280 -14.83 -11.96 1.53
CA LEU A 280 -16.13 -11.80 0.90
C LEU A 280 -16.84 -13.17 0.82
N GLU A 281 -16.07 -14.21 0.55
CA GLU A 281 -16.63 -15.55 0.46
C GLU A 281 -17.19 -15.96 1.83
N LYS A 282 -16.44 -15.67 2.89
CA LYS A 282 -16.88 -16.00 4.24
C LYS A 282 -18.17 -15.24 4.59
N MET A 283 -18.35 -14.06 4.00
CA MET A 283 -19.55 -13.28 4.23
C MET A 283 -20.74 -13.77 3.42
N GLY A 284 -20.51 -14.66 2.45
CA GLY A 284 -21.64 -15.14 1.66
C GLY A 284 -21.60 -14.87 0.17
N ALA A 285 -20.56 -14.21 -0.32
CA ALA A 285 -20.45 -13.94 -1.75
C ALA A 285 -19.82 -15.14 -2.46
N THR A 286 -19.95 -15.18 -3.77
CA THR A 286 -19.36 -16.25 -4.57
C THR A 286 -18.12 -15.69 -5.29
N ILE A 287 -17.00 -16.40 -5.21
CA ILE A 287 -15.76 -15.96 -5.82
C ILE A 287 -15.29 -16.96 -6.86
N CYS A 288 -14.81 -16.45 -7.99
CA CYS A 288 -14.24 -17.26 -9.06
C CYS A 288 -12.80 -16.79 -9.24
N TRP A 289 -11.91 -17.76 -9.40
CA TRP A 289 -10.49 -17.46 -9.58
C TRP A 289 -9.99 -17.87 -10.95
N GLY A 290 -9.15 -17.03 -11.53
CA GLY A 290 -8.54 -17.36 -12.80
C GLY A 290 -7.07 -17.12 -12.65
N ASP A 291 -6.34 -17.33 -13.74
CA ASP A 291 -4.93 -17.09 -13.71
C ASP A 291 -4.69 -15.58 -13.72
N ASP A 292 -5.54 -14.84 -14.43
CA ASP A 292 -5.36 -13.40 -14.50
C ASP A 292 -6.62 -12.64 -14.17
N TYR A 293 -7.50 -13.26 -13.40
CA TYR A 293 -8.69 -12.55 -12.93
C TYR A 293 -9.20 -13.12 -11.62
N ILE A 294 -10.01 -12.31 -10.95
CA ILE A 294 -10.75 -12.73 -9.75
C ILE A 294 -12.11 -12.12 -9.96
N SER A 295 -13.19 -12.87 -9.75
CA SER A 295 -14.51 -12.27 -9.90
C SER A 295 -15.33 -12.56 -8.68
N CYS A 296 -16.30 -11.69 -8.43
CA CYS A 296 -17.20 -11.84 -7.28
C CYS A 296 -18.63 -11.73 -7.78
N THR A 297 -19.49 -12.62 -7.30
CA THR A 297 -20.89 -12.60 -7.69
C THR A 297 -21.74 -12.51 -6.43
N ARG A 298 -22.74 -11.66 -6.45
CA ARG A 298 -23.63 -11.50 -5.31
C ARG A 298 -24.23 -12.81 -4.82
N GLY A 299 -24.19 -13.00 -3.51
CA GLY A 299 -24.81 -14.17 -2.90
C GLY A 299 -25.62 -13.55 -1.77
N GLU A 300 -25.05 -13.61 -0.57
CA GLU A 300 -25.69 -12.95 0.55
C GLU A 300 -24.55 -12.26 1.29
N LEU A 301 -24.89 -11.51 2.33
CA LEU A 301 -23.86 -10.80 3.06
C LEU A 301 -24.13 -10.83 4.55
N ASN A 302 -23.33 -11.62 5.25
CA ASN A 302 -23.44 -11.79 6.69
C ASN A 302 -22.23 -11.20 7.40
N ALA A 303 -22.47 -10.63 8.57
CA ALA A 303 -21.39 -10.05 9.37
C ALA A 303 -20.33 -11.09 9.72
N ILE A 304 -19.10 -10.62 9.92
CA ILE A 304 -18.00 -11.51 10.31
C ILE A 304 -17.22 -10.87 11.45
N ASP A 305 -16.41 -11.69 12.13
CA ASP A 305 -15.58 -11.25 13.26
C ASP A 305 -14.23 -11.91 12.98
N MET A 306 -13.27 -11.11 12.53
CA MET A 306 -11.98 -11.63 12.12
C MET A 306 -10.80 -10.73 12.38
N ASP A 307 -9.64 -11.36 12.55
CA ASP A 307 -8.36 -10.65 12.70
C ASP A 307 -8.02 -10.24 11.24
N MET A 308 -7.78 -8.94 11.02
CA MET A 308 -7.47 -8.44 9.70
C MET A 308 -6.05 -7.91 9.53
N ASN A 309 -5.14 -8.26 10.44
CA ASN A 309 -3.78 -7.74 10.35
C ASN A 309 -3.02 -8.13 9.08
N HIS A 310 -3.45 -9.21 8.43
CA HIS A 310 -2.81 -9.68 7.20
C HIS A 310 -3.23 -8.92 5.93
N ILE A 311 -4.30 -8.14 6.02
CA ILE A 311 -4.82 -7.37 4.90
C ILE A 311 -5.35 -6.03 5.42
N PRO A 312 -4.50 -5.25 6.09
CA PRO A 312 -4.93 -3.97 6.65
C PRO A 312 -5.57 -2.97 5.71
N ASP A 313 -5.06 -2.88 4.48
CA ASP A 313 -5.60 -1.89 3.55
C ASP A 313 -6.95 -2.32 2.99
N ALA A 314 -6.99 -3.51 2.39
CA ALA A 314 -8.26 -4.02 1.86
C ALA A 314 -9.30 -4.19 2.99
N ALA A 315 -8.84 -4.40 4.22
CA ALA A 315 -9.78 -4.59 5.34
C ALA A 315 -10.71 -3.41 5.52
N MET A 316 -10.26 -2.20 5.19
CA MET A 316 -11.14 -1.04 5.35
C MET A 316 -12.38 -1.20 4.49
N THR A 317 -12.25 -1.86 3.34
CA THR A 317 -13.39 -2.04 2.45
C THR A 317 -14.46 -2.89 3.15
N ILE A 318 -14.04 -3.83 3.99
CA ILE A 318 -15.04 -4.61 4.73
C ILE A 318 -15.79 -3.71 5.72
N ALA A 319 -15.14 -2.66 6.25
CA ALA A 319 -15.85 -1.80 7.19
C ALA A 319 -17.07 -1.09 6.57
N THR A 320 -16.96 -0.61 5.32
CA THR A 320 -18.16 -0.03 4.70
C THR A 320 -19.07 -1.13 4.12
N ALA A 321 -18.51 -2.25 3.66
CA ALA A 321 -19.38 -3.32 3.18
C ALA A 321 -20.26 -3.83 4.34
N ALA A 322 -19.75 -3.73 5.57
CA ALA A 322 -20.47 -4.16 6.76
C ALA A 322 -21.81 -3.43 6.93
N LEU A 323 -21.91 -2.25 6.33
CA LEU A 323 -23.16 -1.48 6.39
C LEU A 323 -24.30 -2.24 5.73
N PHE A 324 -23.94 -3.19 4.86
CA PHE A 324 -24.92 -3.94 4.09
C PHE A 324 -25.07 -5.37 4.55
N ALA A 325 -24.32 -5.76 5.57
CA ALA A 325 -24.38 -7.13 6.04
C ALA A 325 -25.37 -7.33 7.16
N LYS A 326 -25.75 -8.59 7.35
CA LYS A 326 -26.67 -8.95 8.42
C LYS A 326 -25.88 -9.23 9.68
N GLY A 327 -26.12 -8.43 10.72
CA GLY A 327 -25.42 -8.62 11.98
C GLY A 327 -24.31 -7.60 12.19
N THR A 328 -23.60 -7.77 13.31
CA THR A 328 -22.53 -6.86 13.70
C THR A 328 -21.18 -7.41 13.29
N THR A 329 -20.42 -6.60 12.55
CA THR A 329 -19.10 -6.99 12.07
C THR A 329 -18.03 -6.44 12.98
N THR A 330 -17.02 -7.26 13.27
CA THR A 330 -15.90 -6.82 14.10
C THR A 330 -14.61 -7.12 13.36
N LEU A 331 -13.78 -6.09 13.16
CA LEU A 331 -12.49 -6.26 12.52
C LEU A 331 -11.47 -6.04 13.65
N ARG A 332 -10.62 -7.03 13.85
CA ARG A 332 -9.64 -6.98 14.93
C ARG A 332 -8.19 -6.96 14.51
N ASN A 333 -7.36 -6.62 15.48
CA ASN A 333 -5.91 -6.59 15.34
C ASN A 333 -5.48 -5.65 14.22
N ILE A 334 -6.05 -4.45 14.25
CA ILE A 334 -5.72 -3.46 13.24
C ILE A 334 -5.25 -2.15 13.86
N TYR A 335 -4.46 -2.27 14.91
CA TYR A 335 -3.93 -1.05 15.52
C TYR A 335 -3.18 -0.22 14.47
N ASN A 336 -2.46 -0.89 13.57
CA ASN A 336 -1.66 -0.21 12.54
C ASN A 336 -2.47 0.75 11.69
N TRP A 337 -3.78 0.59 11.66
CA TRP A 337 -4.62 1.57 10.95
C TRP A 337 -4.35 2.98 11.49
N ARG A 338 -3.95 3.11 12.76
CA ARG A 338 -3.77 4.44 13.31
C ARG A 338 -2.57 5.21 12.80
N VAL A 339 -1.61 4.52 12.21
CA VAL A 339 -0.38 5.18 11.78
C VAL A 339 -0.18 5.32 10.29
N LYS A 340 -1.27 5.15 9.55
CA LYS A 340 -1.20 5.23 8.09
C LYS A 340 -1.58 6.59 7.50
N GLU A 341 -2.19 6.63 6.30
CA GLU A 341 -2.50 7.91 5.67
C GLU A 341 -3.21 8.88 6.62
N THR A 342 -4.02 8.32 7.52
CA THR A 342 -4.65 9.07 8.59
C THR A 342 -4.85 8.02 9.67
N ASP A 343 -5.38 8.41 10.84
CA ASP A 343 -5.67 7.39 11.85
C ASP A 343 -6.98 6.81 11.29
N ARG A 344 -6.88 5.64 10.66
CA ARG A 344 -8.05 5.04 10.03
C ARG A 344 -9.09 4.47 10.99
N LEU A 345 -8.71 4.12 12.21
CA LEU A 345 -9.71 3.63 13.15
C LEU A 345 -10.61 4.81 13.53
N PHE A 346 -9.98 5.94 13.86
CA PHE A 346 -10.76 7.12 14.22
C PHE A 346 -11.59 7.60 13.02
N ALA A 347 -10.97 7.73 11.86
CA ALA A 347 -11.69 8.22 10.69
C ALA A 347 -12.82 7.31 10.27
N MET A 348 -12.56 6.01 10.17
CA MET A 348 -13.61 5.10 9.76
C MET A 348 -14.78 5.11 10.74
N ALA A 349 -14.49 5.09 12.04
CA ALA A 349 -15.59 5.09 13.00
C ALA A 349 -16.40 6.36 12.89
N THR A 350 -15.72 7.49 12.79
CA THR A 350 -16.40 8.78 12.71
C THR A 350 -17.32 8.85 11.49
N GLU A 351 -16.80 8.49 10.32
CA GLU A 351 -17.64 8.61 9.12
C GLU A 351 -18.75 7.56 9.05
N LEU A 352 -18.49 6.36 9.54
CA LEU A 352 -19.55 5.32 9.53
C LEU A 352 -20.74 5.78 10.34
N ARG A 353 -20.50 6.47 11.47
CA ARG A 353 -21.63 6.91 12.29
C ARG A 353 -22.45 7.95 11.56
N LYS A 354 -21.80 8.71 10.68
CA LYS A 354 -22.52 9.75 9.95
C LYS A 354 -23.59 9.18 9.03
N VAL A 355 -23.42 7.96 8.54
CA VAL A 355 -24.44 7.36 7.66
C VAL A 355 -25.40 6.47 8.44
N GLY A 356 -25.31 6.50 9.77
CA GLY A 356 -26.26 5.76 10.58
C GLY A 356 -25.81 4.57 11.40
N ALA A 357 -24.59 4.08 11.19
CA ALA A 357 -24.14 2.93 11.95
C ALA A 357 -23.82 3.24 13.42
N GLU A 358 -23.95 2.22 14.26
CA GLU A 358 -23.57 2.31 15.66
C GLU A 358 -22.18 1.67 15.60
N VAL A 359 -21.18 2.39 16.08
CA VAL A 359 -19.80 1.92 15.98
C VAL A 359 -19.03 2.03 17.26
N GLU A 360 -18.33 0.95 17.59
CA GLU A 360 -17.46 1.00 18.75
C GLU A 360 -16.04 1.08 18.18
N GLU A 361 -15.37 2.18 18.45
CA GLU A 361 -13.99 2.36 18.03
C GLU A 361 -13.12 1.76 19.16
N GLY A 362 -12.64 0.54 18.96
CA GLY A 362 -11.77 -0.07 19.95
C GLY A 362 -10.37 0.48 19.77
N HIS A 363 -9.50 0.22 20.73
CA HIS A 363 -8.16 0.71 20.60
C HIS A 363 -7.49 0.15 19.35
N ASP A 364 -7.77 -1.12 19.07
CA ASP A 364 -7.16 -1.82 17.93
C ASP A 364 -8.15 -2.70 17.15
N TYR A 365 -9.41 -2.32 17.20
CA TYR A 365 -10.48 -3.03 16.51
C TYR A 365 -11.64 -2.06 16.29
N ILE A 366 -12.57 -2.47 15.43
CA ILE A 366 -13.75 -1.66 15.19
C ILE A 366 -14.94 -2.62 15.11
N ARG A 367 -16.03 -2.26 15.78
CA ARG A 367 -17.25 -3.07 15.81
C ARG A 367 -18.34 -2.23 15.14
N ILE A 368 -19.00 -2.80 14.13
CA ILE A 368 -19.98 -2.05 13.34
C ILE A 368 -21.34 -2.70 13.29
N THR A 369 -22.34 -1.98 13.75
CA THR A 369 -23.71 -2.49 13.71
C THR A 369 -24.44 -1.59 12.71
N PRO A 370 -24.85 -2.18 11.57
CA PRO A 370 -25.54 -1.38 10.57
C PRO A 370 -26.90 -0.87 10.97
N PRO A 371 -27.31 0.25 10.38
CA PRO A 371 -28.62 0.81 10.67
C PRO A 371 -29.63 0.06 9.80
N GLU A 372 -30.91 0.16 10.13
CA GLU A 372 -31.94 -0.49 9.30
C GLU A 372 -31.86 0.11 7.91
N LYS A 373 -31.61 1.42 7.84
CA LYS A 373 -31.46 2.07 6.54
C LYS A 373 -30.42 3.18 6.67
N LEU A 374 -29.61 3.35 5.64
CA LEU A 374 -28.56 4.36 5.64
C LEU A 374 -29.16 5.74 5.41
N ASN A 375 -28.49 6.77 5.90
CA ASN A 375 -28.93 8.14 5.65
C ASN A 375 -27.82 8.89 4.89
N PHE A 376 -28.17 10.00 4.28
CA PHE A 376 -27.21 10.79 3.55
C PHE A 376 -26.16 11.41 4.46
N ALA A 377 -24.93 11.50 3.95
CA ALA A 377 -23.89 12.18 4.69
C ALA A 377 -22.88 12.74 3.73
N GLU A 378 -22.20 13.78 4.20
CA GLU A 378 -21.10 14.38 3.46
C GLU A 378 -19.91 13.79 4.20
N ILE A 379 -19.17 12.92 3.50
CA ILE A 379 -18.05 12.21 4.09
C ILE A 379 -16.72 12.95 4.01
N ALA A 380 -16.07 13.10 5.16
CA ALA A 380 -14.75 13.71 5.25
C ALA A 380 -13.78 12.60 4.88
N THR A 381 -12.75 12.94 4.12
CA THR A 381 -11.83 11.92 3.65
C THR A 381 -10.41 11.94 4.18
N TYR A 382 -10.07 12.91 5.04
CA TYR A 382 -8.77 12.88 5.74
C TYR A 382 -7.54 12.74 4.84
N ASN A 383 -7.60 13.31 3.64
CA ASN A 383 -6.49 13.21 2.68
C ASN A 383 -6.09 11.75 2.52
N ASP A 384 -7.10 10.88 2.59
CA ASP A 384 -6.87 9.44 2.50
C ASP A 384 -7.69 8.79 1.39
N HIS A 385 -7.00 8.49 0.29
CA HIS A 385 -7.61 7.80 -0.85
C HIS A 385 -8.57 6.68 -0.46
N ARG A 386 -8.21 5.86 0.52
CA ARG A 386 -9.09 4.75 0.87
C ARG A 386 -10.37 5.15 1.59
N MET A 387 -10.37 6.30 2.27
CA MET A 387 -11.61 6.75 2.88
C MET A 387 -12.61 7.11 1.76
N ALA A 388 -12.12 7.77 0.71
CA ALA A 388 -12.97 8.12 -0.42
C ALA A 388 -13.49 6.87 -1.11
N MET A 389 -12.59 5.90 -1.39
CA MET A 389 -13.05 4.72 -2.08
C MET A 389 -13.95 3.83 -1.22
N CYS A 390 -13.64 3.68 0.05
CA CYS A 390 -14.53 2.85 0.86
C CYS A 390 -15.91 3.46 0.94
N PHE A 391 -16.01 4.78 1.16
CA PHE A 391 -17.35 5.34 1.29
C PHE A 391 -18.13 5.48 0.02
N SER A 392 -17.46 5.31 -1.11
CA SER A 392 -18.17 5.32 -2.37
C SER A 392 -19.20 4.19 -2.36
N LEU A 393 -18.95 3.12 -1.60
CA LEU A 393 -19.85 1.98 -1.54
C LEU A 393 -21.20 2.29 -0.89
N VAL A 394 -21.27 3.41 -0.16
CA VAL A 394 -22.52 3.82 0.46
C VAL A 394 -23.59 4.02 -0.64
N ALA A 395 -23.17 4.42 -1.84
CA ALA A 395 -24.13 4.64 -2.92
C ALA A 395 -24.78 3.38 -3.48
N LEU A 396 -24.38 2.19 -2.99
CA LEU A 396 -24.99 0.92 -3.43
C LEU A 396 -26.16 0.68 -2.49
N SER A 397 -26.91 1.74 -2.24
CA SER A 397 -28.07 1.72 -1.36
C SER A 397 -29.10 2.65 -1.98
N ASP A 398 -30.10 3.02 -1.19
CA ASP A 398 -31.12 3.92 -1.69
C ASP A 398 -30.76 5.38 -1.49
N THR A 399 -29.63 5.66 -0.86
CA THR A 399 -29.24 7.03 -0.64
C THR A 399 -27.98 7.46 -1.34
N PRO A 400 -27.95 8.72 -1.81
CA PRO A 400 -26.73 9.20 -2.46
C PRO A 400 -25.73 9.47 -1.31
N VAL A 401 -24.49 9.75 -1.66
CA VAL A 401 -23.49 10.09 -0.64
C VAL A 401 -22.62 11.17 -1.28
N THR A 402 -22.13 12.11 -0.48
CA THR A 402 -21.24 13.13 -1.02
C THR A 402 -19.87 12.88 -0.41
N ILE A 403 -18.86 12.79 -1.28
CA ILE A 403 -17.49 12.49 -0.87
C ILE A 403 -16.66 13.76 -1.00
N LEU A 404 -16.09 14.22 0.11
CA LEU A 404 -15.26 15.44 0.06
C LEU A 404 -13.89 15.10 -0.51
N ASP A 405 -13.30 16.06 -1.23
CA ASP A 405 -11.96 15.92 -1.82
C ASP A 405 -11.79 14.58 -2.56
N PRO A 406 -12.66 14.28 -3.53
CA PRO A 406 -12.57 13.02 -4.27
C PRO A 406 -11.24 12.76 -4.96
N LYS A 407 -10.53 13.82 -5.30
CA LYS A 407 -9.25 13.64 -5.96
C LYS A 407 -8.17 13.03 -5.07
N CYS A 408 -8.46 12.87 -3.77
CA CYS A 408 -7.47 12.24 -2.90
C CYS A 408 -7.28 10.79 -3.34
N THR A 409 -8.20 10.23 -4.13
CA THR A 409 -8.02 8.86 -4.60
C THR A 409 -6.78 8.73 -5.47
N ALA A 410 -6.28 9.86 -6.01
CA ALA A 410 -5.09 9.80 -6.87
C ALA A 410 -3.84 9.28 -6.22
N LYS A 411 -3.84 9.12 -4.90
CA LYS A 411 -2.65 8.61 -4.22
C LYS A 411 -2.29 7.25 -4.81
N THR A 412 -3.31 6.43 -5.09
CA THR A 412 -3.13 5.10 -5.68
C THR A 412 -4.06 4.80 -6.85
N PHE A 413 -5.06 5.64 -7.11
CA PHE A 413 -6.06 5.27 -8.12
C PHE A 413 -6.76 6.51 -8.66
N PRO A 414 -6.06 7.27 -9.52
CA PRO A 414 -6.63 8.49 -10.09
C PRO A 414 -7.98 8.30 -10.76
N ASP A 415 -8.14 7.21 -11.48
CA ASP A 415 -9.39 6.97 -12.21
C ASP A 415 -10.44 6.20 -11.46
N TYR A 416 -10.33 6.13 -10.14
CA TYR A 416 -11.29 5.36 -9.38
C TYR A 416 -12.77 5.58 -9.69
N PHE A 417 -13.22 6.83 -9.67
CA PHE A 417 -14.63 7.04 -9.86
C PHE A 417 -15.14 6.68 -11.26
N GLU A 418 -14.30 6.86 -12.27
CA GLU A 418 -14.67 6.50 -13.64
C GLU A 418 -14.84 4.99 -13.72
N GLN A 419 -13.93 4.27 -13.05
CA GLN A 419 -13.98 2.82 -13.05
C GLN A 419 -15.19 2.30 -12.29
N LEU A 420 -15.52 2.92 -11.15
CA LEU A 420 -16.71 2.50 -10.41
C LEU A 420 -17.94 2.73 -11.30
N ALA A 421 -17.94 3.87 -11.99
CA ALA A 421 -19.08 4.17 -12.88
C ALA A 421 -19.19 3.18 -14.03
N ARG A 422 -18.07 2.64 -14.50
CA ARG A 422 -18.06 1.69 -15.60
C ARG A 422 -18.88 0.45 -15.27
N ILE A 423 -18.83 0.02 -14.02
CA ILE A 423 -19.59 -1.16 -13.61
C ILE A 423 -20.94 -0.81 -12.97
N SER A 424 -21.21 0.49 -12.80
CA SER A 424 -22.48 0.94 -12.23
C SER A 424 -23.60 0.87 -13.28
N GLN A 425 -24.68 0.16 -12.97
CA GLN A 425 -25.80 0.01 -13.91
C GLN A 425 -27.07 0.53 -13.27
N ALA A 426 -27.98 1.05 -14.10
CA ALA A 426 -29.21 1.59 -13.55
C ALA A 426 -30.28 0.51 -13.50
N ALA A 427 -30.12 -0.51 -14.33
CA ALA A 427 -31.09 -1.59 -14.43
C ALA A 427 -30.48 -2.95 -14.09
O12 SKM B . -0.55 -0.69 4.83
C8 SKM B . 0.38 -1.12 3.84
C6 SKM B . 0.87 0.03 2.97
O7 SKM B . -0.25 0.67 2.34
C5 SKM B . 1.81 -0.55 1.91
C4 SKM B . 2.79 -1.51 2.34
C1 SKM B . 3.93 -1.92 1.42
O2 SKM B . 4.97 -2.35 1.97
O3 SKM B . 3.78 -1.89 0.20
C10 SKM B . 2.69 -2.14 3.61
C9 SKM B . 1.58 -1.79 4.57
O11 SKM B . 2.08 -0.94 5.59
C FMT C . -2.41 2.50 1.52
O1 FMT C . -2.25 2.21 0.32
O2 FMT C . -3.48 2.36 2.12
C FMT D . 2.91 1.15 8.16
O1 FMT D . 1.91 1.86 8.04
O2 FMT D . 4.06 1.59 7.91
C FMT E . 1.98 -2.92 8.34
O1 FMT E . 2.92 -2.64 7.54
O2 FMT E . 0.96 -2.21 8.52
C FMT F . -11.18 15.25 7.63
O1 FMT F . -11.70 16.16 8.34
O2 FMT F . -11.01 15.36 6.38
C FMT G . -24.08 17.91 -2.24
C FMT G . -16.85 9.19 -11.68
O1 FMT G . -24.08 17.20 -1.25
O1 FMT G . -16.29 9.73 -12.66
O2 FMT G . -24.45 19.10 -2.19
O2 FMT G . -17.63 8.23 -11.78
C FMT H . -30.21 2.31 2.64
O1 FMT H . -30.71 2.15 1.51
O2 FMT H . -30.23 1.46 3.55
C FMT I . -4.67 13.34 7.67
C FMT I . -17.11 22.56 5.58
O1 FMT I . -4.28 12.63 6.71
O1 FMT I . -16.75 23.03 6.69
O2 FMT I . -5.30 12.89 8.67
O2 FMT I . -18.14 22.95 4.98
C FMT J . 23.52 11.62 -8.71
O1 FMT J . 23.32 10.42 -8.46
O2 FMT J . 23.13 12.49 -7.93
C FMT K . 8.49 4.03 -22.15
O1 FMT K . 7.66 3.35 -22.81
O2 FMT K . 9.21 4.91 -22.66
C FMT L . -0.76 -1.10 20.52
O1 FMT L . 0.36 -0.85 20.04
O2 FMT L . -1.27 -0.41 21.44
C FMT M . 1.52 4.09 2.09
O1 FMT M . 1.95 3.39 1.13
O2 FMT M . 1.89 5.27 2.29
C FMT N . 27.97 2.90 -2.04
O1 FMT N . 28.37 1.75 -1.76
O2 FMT N . 28.12 3.44 -3.16
C FMT O . 14.68 11.07 -15.52
O1 FMT O . 13.86 12.01 -15.31
O2 FMT O . 15.01 10.71 -16.67
C FMT P . -21.64 -1.43 20.91
O1 FMT P . -21.66 -0.97 19.74
O2 FMT P . -22.67 -1.66 21.59
C FMT Q . 26.01 5.34 -13.21
O1 FMT Q . 26.46 4.24 -12.85
O2 FMT Q . 25.92 6.34 -12.44
C FMT R . -1.06 -8.36 -14.80
O1 FMT R . -0.68 -7.19 -14.56
O2 FMT R . -0.88 -9.32 -14.03
C FMT S . 11.52 15.59 -4.78
O1 FMT S . 11.89 16.70 -4.30
O2 FMT S . 12.10 15.02 -5.74
#